data_5IZA
#
_entry.id   5IZA
#
_cell.length_a   52.465
_cell.length_b   66.436
_cell.length_c   82.661
_cell.angle_alpha   90.00
_cell.angle_beta   90.00
_cell.angle_gamma   90.00
#
_symmetry.space_group_name_H-M   'P 21 21 21'
#
loop_
_entity.id
_entity.type
_entity.pdbx_description
1 polymer 'Adenomatous polyposis coli protein'
2 polymer ACE-GLY-GLY-GLU-ALA-LEU-ALA-TRP-NH2
3 water water
#
loop_
_entity_poly.entity_id
_entity_poly.type
_entity_poly.pdbx_seq_one_letter_code
_entity_poly.pdbx_strand_id
1 'polypeptide(L)'
;MGHHHHHHMLHLLEQIRAYCETCWEWQEAHEPGMDQDKNPMPAPVEHQICPAVCVLMKLSFDEEHRHAMNELGGLQAIAE
LLQVDCEMYGLTNDHYSITLRRYAGMALTNLTFGDVANKATLCSMKGCMRALVAQLKSESEDLQQVIASVLRNLSWRADV
NSKKTLREVGSVKALMECALEVKKESTLKSVLSALWNLSAHCTENKADICAVDGALAFLVGTLTYRSQTNTLAIIESGGG
ILRNVSSLIATNEDHRQILRENNCLQTLLQHLKSHSLTIVSNACGTLWNLSARNPKDQEALWDMGAVSMLKNLIHSKHKM
IAMGSAAALRNLMANRPAKYKDANIMSPGSSLPS
;
A
2 'polypeptide(L)' (ACE)GGEALAW(NH2) B
#
loop_
_chem_comp.id
_chem_comp.type
_chem_comp.name
_chem_comp.formula
ACE non-polymer 'ACETYL GROUP' 'C2 H4 O'
NH2 non-polymer 'AMINO GROUP' 'H2 N'
#
# COMPACT_ATOMS: atom_id res chain seq x y z
N HIS A 6 3.28 -32.99 -3.56
N HIS A 6 3.46 -33.58 -3.40
CA HIS A 6 4.09 -33.20 -4.80
CA HIS A 6 4.09 -33.23 -4.71
C HIS A 6 5.55 -33.35 -4.41
C HIS A 6 5.59 -33.29 -4.50
N HIS A 7 6.20 -34.40 -4.90
CA HIS A 7 7.60 -34.65 -4.60
C HIS A 7 8.56 -33.69 -5.28
N HIS A 8 8.31 -33.25 -6.52
CA HIS A 8 9.10 -32.11 -7.06
C HIS A 8 8.99 -30.91 -6.16
N MET A 9 7.78 -30.57 -5.73
N MET A 9 7.76 -30.60 -5.75
CA MET A 9 7.60 -29.42 -4.84
CA MET A 9 7.49 -29.49 -4.81
C MET A 9 8.31 -29.60 -3.51
C MET A 9 8.31 -29.63 -3.55
N LEU A 10 8.16 -30.77 -2.90
CA LEU A 10 8.91 -31.07 -1.68
C LEU A 10 10.40 -30.96 -1.93
N HIS A 11 10.85 -31.53 -3.05
N HIS A 11 10.88 -31.51 -3.05
CA HIS A 11 12.24 -31.49 -3.50
CA HIS A 11 12.30 -31.44 -3.35
C HIS A 11 12.77 -30.06 -3.59
C HIS A 11 12.78 -30.01 -3.51
N LEU A 12 12.00 -29.17 -4.19
CA LEU A 12 12.36 -27.75 -4.32
C LEU A 12 12.36 -27.03 -2.97
N LEU A 13 11.36 -27.28 -2.14
CA LEU A 13 11.32 -26.64 -0.82
C LEU A 13 12.47 -27.13 0.06
N GLU A 14 12.79 -28.40 -0.04
CA GLU A 14 13.94 -28.94 0.68
C GLU A 14 15.26 -28.25 0.26
N GLN A 15 15.42 -28.03 -1.04
CA GLN A 15 16.60 -27.34 -1.55
C GLN A 15 16.72 -25.94 -0.97
N ILE A 16 15.61 -25.23 -0.96
N ILE A 16 15.63 -25.16 -0.96
CA ILE A 16 15.58 -23.89 -0.43
CA ILE A 16 15.77 -23.81 -0.42
C ILE A 16 15.90 -23.86 1.06
C ILE A 16 15.92 -23.83 1.11
N ARG A 17 15.30 -24.77 1.82
CA ARG A 17 15.53 -24.85 3.27
C ARG A 17 16.99 -25.19 3.57
N ALA A 18 17.53 -26.13 2.83
CA ALA A 18 18.93 -26.50 3.02
C ALA A 18 19.89 -25.32 2.79
N TYR A 19 19.62 -24.53 1.75
CA TYR A 19 20.39 -23.34 1.44
C TYR A 19 20.28 -22.34 2.56
N CYS A 20 19.08 -22.12 3.06
CA CYS A 20 18.91 -21.19 4.16
C CYS A 20 19.71 -21.61 5.38
N GLU A 21 19.63 -22.89 5.73
CA GLU A 21 20.38 -23.44 6.85
C GLU A 21 21.87 -23.24 6.70
N THR A 22 22.36 -23.45 5.48
CA THR A 22 23.76 -23.22 5.17
C THR A 22 24.12 -21.76 5.39
N CYS A 23 23.26 -20.85 4.96
CA CYS A 23 23.48 -19.41 5.17
C CYS A 23 23.48 -19.05 6.66
N TRP A 24 22.56 -19.60 7.45
CA TRP A 24 22.51 -19.30 8.89
C TRP A 24 23.75 -19.80 9.59
N GLU A 25 24.18 -21.01 9.24
CA GLU A 25 25.39 -21.57 9.84
C GLU A 25 26.61 -20.72 9.46
N TRP A 26 26.65 -20.22 8.23
CA TRP A 26 27.72 -19.30 7.83
C TRP A 26 27.68 -18.03 8.64
N GLN A 27 26.51 -17.42 8.75
CA GLN A 27 26.35 -16.15 9.50
C GLN A 27 26.85 -16.32 10.95
N GLU A 28 26.56 -17.48 11.54
CA GLU A 28 26.91 -17.79 12.92
C GLU A 28 28.39 -18.14 13.14
N ALA A 29 29.09 -18.53 12.07
CA ALA A 29 30.52 -18.88 12.12
C ALA A 29 31.45 -17.82 11.53
N HIS A 30 30.90 -16.83 10.82
CA HIS A 30 31.73 -15.87 10.07
C HIS A 30 32.28 -14.81 11.01
N GLU A 31 33.59 -14.78 11.12
CA GLU A 31 34.27 -13.94 12.08
C GLU A 31 34.75 -12.67 11.38
N PRO A 32 34.76 -11.53 12.11
CA PRO A 32 35.21 -10.26 11.52
C PRO A 32 36.71 -10.24 11.23
N GLY A 33 37.11 -9.43 10.26
CA GLY A 33 38.52 -9.09 10.00
C GLY A 33 39.36 -10.18 9.35
N MET A 34 38.70 -11.12 8.66
CA MET A 34 39.36 -12.22 7.96
C MET A 34 39.41 -11.98 6.45
N ASP A 35 40.18 -12.83 5.76
CA ASP A 35 40.24 -12.84 4.28
C ASP A 35 38.88 -13.23 3.66
N GLN A 36 38.66 -12.79 2.42
CA GLN A 36 37.49 -13.20 1.64
C GLN A 36 37.41 -14.73 1.41
N ASP A 37 38.56 -15.40 1.45
CA ASP A 37 38.68 -16.83 1.17
C ASP A 37 38.52 -17.77 2.38
N LYS A 38 38.72 -17.24 3.59
CA LYS A 38 38.80 -18.06 4.81
C LYS A 38 37.51 -18.84 5.07
N ASN A 39 36.39 -18.12 5.05
N ASN A 39 36.40 -18.12 5.03
CA ASN A 39 35.08 -18.72 5.30
CA ASN A 39 35.11 -18.69 5.29
C ASN A 39 34.11 -18.15 4.28
C ASN A 39 34.14 -18.12 4.27
N PRO A 40 34.18 -18.66 3.04
CA PRO A 40 33.40 -18.14 1.92
C PRO A 40 31.92 -18.00 2.20
N MET A 41 31.37 -16.86 1.84
N MET A 41 31.35 -16.84 1.89
CA MET A 41 29.95 -16.61 1.82
CA MET A 41 29.91 -16.62 2.03
C MET A 41 29.28 -17.59 0.87
C MET A 41 29.20 -17.39 0.92
N PRO A 42 28.12 -18.16 1.24
CA PRO A 42 27.36 -18.88 0.23
C PRO A 42 26.81 -17.95 -0.86
N ALA A 43 26.88 -18.41 -2.09
CA ALA A 43 26.40 -17.67 -3.26
C ALA A 43 25.18 -18.43 -3.80
N PRO A 44 24.03 -17.76 -3.93
CA PRO A 44 22.87 -18.55 -4.33
C PRO A 44 23.00 -19.16 -5.75
N VAL A 45 23.73 -18.50 -6.65
CA VAL A 45 24.01 -19.06 -7.98
C VAL A 45 24.64 -20.46 -7.92
N GLU A 46 25.52 -20.65 -6.95
CA GLU A 46 26.22 -21.93 -6.79
C GLU A 46 25.29 -23.04 -6.31
N HIS A 47 24.18 -22.67 -5.70
CA HIS A 47 23.18 -23.64 -5.24
C HIS A 47 21.90 -23.73 -6.11
N GLN A 48 21.92 -23.12 -7.30
CA GLN A 48 20.79 -23.20 -8.25
C GLN A 48 19.49 -22.69 -7.61
N ILE A 49 19.60 -21.61 -6.85
CA ILE A 49 18.47 -21.14 -6.07
C ILE A 49 17.43 -20.42 -6.90
N CYS A 50 17.88 -19.58 -7.82
CA CYS A 50 16.94 -18.83 -8.65
C CYS A 50 16.02 -19.78 -9.42
N PRO A 51 16.56 -20.87 -10.01
CA PRO A 51 15.64 -21.72 -10.79
C PRO A 51 14.64 -22.43 -9.88
N ALA A 52 15.04 -22.76 -8.65
CA ALA A 52 14.13 -23.38 -7.69
C ALA A 52 13.01 -22.41 -7.33
N VAL A 53 13.38 -21.18 -6.96
CA VAL A 53 12.35 -20.21 -6.56
C VAL A 53 11.51 -19.78 -7.80
N CYS A 54 12.12 -19.79 -8.98
CA CYS A 54 11.38 -19.56 -10.21
C CYS A 54 10.24 -20.57 -10.40
N VAL A 55 10.54 -21.87 -10.26
CA VAL A 55 9.52 -22.93 -10.42
C VAL A 55 8.43 -22.77 -9.37
N LEU A 56 8.82 -22.55 -8.12
CA LEU A 56 7.83 -22.36 -7.06
C LEU A 56 6.95 -21.14 -7.28
N MET A 57 7.55 -20.05 -7.74
CA MET A 57 6.77 -18.86 -8.12
C MET A 57 5.73 -19.21 -9.21
N LYS A 58 6.15 -19.93 -10.27
CA LYS A 58 5.24 -20.27 -11.35
C LYS A 58 4.12 -21.17 -10.83
N LEU A 59 4.47 -22.16 -10.01
CA LEU A 59 3.47 -23.05 -9.41
C LEU A 59 2.47 -22.32 -8.51
N SER A 60 2.94 -21.27 -7.82
CA SER A 60 2.13 -20.54 -6.84
C SER A 60 0.89 -19.80 -7.42
N PHE A 61 0.84 -19.62 -8.73
CA PHE A 61 -0.35 -19.06 -9.39
C PHE A 61 -1.57 -19.96 -9.32
N ASP A 62 -1.35 -21.27 -9.15
CA ASP A 62 -2.47 -22.25 -9.14
C ASP A 62 -2.85 -22.56 -7.69
N GLU A 63 -4.16 -22.49 -7.40
CA GLU A 63 -4.61 -22.68 -6.03
C GLU A 63 -4.36 -24.09 -5.47
N GLU A 64 -4.44 -25.12 -6.33
CA GLU A 64 -4.14 -26.48 -5.90
C GLU A 64 -2.65 -26.64 -5.57
N HIS A 65 -1.79 -26.00 -6.36
CA HIS A 65 -0.36 -26.02 -6.02
C HIS A 65 -0.08 -25.24 -4.72
N ARG A 66 -0.79 -24.13 -4.49
CA ARG A 66 -0.66 -23.40 -3.23
C ARG A 66 -1.06 -24.25 -2.04
N HIS A 67 -2.14 -25.02 -2.18
CA HIS A 67 -2.59 -25.90 -1.10
C HIS A 67 -1.47 -26.89 -0.78
N ALA A 68 -0.85 -27.47 -1.81
CA ALA A 68 0.27 -28.42 -1.62
C ALA A 68 1.46 -27.70 -0.94
N MET A 69 1.77 -26.49 -1.40
CA MET A 69 2.82 -25.68 -0.74
C MET A 69 2.55 -25.40 0.73
N ASN A 70 1.32 -25.02 1.03
CA ASN A 70 0.94 -24.75 2.43
C ASN A 70 1.09 -25.99 3.32
N GLU A 71 0.81 -27.16 2.80
CA GLU A 71 0.95 -28.42 3.56
C GLU A 71 2.42 -28.77 3.84
N LEU A 72 3.33 -28.15 3.10
CA LEU A 72 4.75 -28.49 3.21
C LEU A 72 5.58 -27.32 3.75
N GLY A 73 4.92 -26.27 4.25
CA GLY A 73 5.64 -25.14 4.85
C GLY A 73 6.31 -24.19 3.85
N GLY A 74 5.70 -24.09 2.67
CA GLY A 74 6.31 -23.32 1.59
C GLY A 74 6.43 -21.84 1.85
N LEU A 75 5.39 -21.23 2.44
N LEU A 75 5.39 -21.23 2.44
CA LEU A 75 5.41 -19.79 2.75
CA LEU A 75 5.42 -19.78 2.74
C LEU A 75 6.64 -19.45 3.60
C LEU A 75 6.64 -19.45 3.60
N GLN A 76 6.84 -20.21 4.67
CA GLN A 76 7.92 -19.92 5.59
C GLN A 76 9.28 -20.10 4.90
N ALA A 77 9.40 -21.15 4.10
CA ALA A 77 10.68 -21.42 3.42
C ALA A 77 11.05 -20.30 2.45
N ILE A 78 10.07 -19.85 1.68
CA ILE A 78 10.30 -18.81 0.67
C ILE A 78 10.60 -17.48 1.39
N ALA A 79 9.85 -17.17 2.44
CA ALA A 79 10.07 -15.97 3.20
C ALA A 79 11.47 -15.93 3.83
N GLU A 80 11.88 -17.05 4.40
N GLU A 80 11.90 -17.05 4.38
CA GLU A 80 13.22 -17.13 5.03
CA GLU A 80 13.22 -17.12 5.01
C GLU A 80 14.30 -16.93 3.97
C GLU A 80 14.33 -16.98 3.98
N LEU A 81 14.08 -17.45 2.76
CA LEU A 81 15.04 -17.29 1.65
C LEU A 81 15.18 -15.81 1.28
N LEU A 82 14.05 -15.14 1.08
CA LEU A 82 14.09 -13.72 0.73
C LEU A 82 14.82 -12.95 1.81
N GLN A 83 14.47 -13.24 3.05
CA GLN A 83 15.06 -12.54 4.18
C GLN A 83 16.59 -12.73 4.25
N VAL A 84 17.04 -13.98 4.14
CA VAL A 84 18.48 -14.24 4.32
C VAL A 84 19.29 -13.61 3.19
N ASP A 85 18.76 -13.61 1.96
CA ASP A 85 19.45 -12.96 0.87
C ASP A 85 19.55 -11.46 1.09
N CYS A 86 18.46 -10.84 1.56
CA CYS A 86 18.48 -9.43 1.91
C CYS A 86 19.48 -9.11 2.99
N GLU A 87 19.54 -9.93 4.03
CA GLU A 87 20.48 -9.71 5.13
C GLU A 87 21.93 -9.87 4.71
N MET A 88 22.21 -10.90 3.93
CA MET A 88 23.56 -11.23 3.47
C MET A 88 24.13 -10.22 2.51
N TYR A 89 23.33 -9.78 1.56
CA TYR A 89 23.80 -8.97 0.42
C TYR A 89 23.33 -7.52 0.41
N GLY A 90 22.36 -7.16 1.26
CA GLY A 90 21.87 -5.81 1.38
C GLY A 90 21.23 -5.29 0.10
N LEU A 91 21.31 -3.97 -0.08
CA LEU A 91 20.71 -3.30 -1.24
C LEU A 91 21.67 -3.34 -2.43
N THR A 92 21.80 -4.52 -3.00
CA THR A 92 22.66 -4.78 -4.14
C THR A 92 21.92 -4.60 -5.45
N ASN A 93 22.64 -4.27 -6.51
CA ASN A 93 22.07 -4.29 -7.87
C ASN A 93 22.45 -5.56 -8.63
N ASP A 94 23.02 -6.56 -7.94
CA ASP A 94 23.41 -7.84 -8.55
C ASP A 94 22.12 -8.46 -9.13
N HIS A 95 22.19 -8.83 -10.41
CA HIS A 95 21.02 -9.23 -11.16
C HIS A 95 20.44 -10.55 -10.60
N TYR A 96 21.32 -11.46 -10.19
CA TYR A 96 20.90 -12.74 -9.65
C TYR A 96 20.10 -12.52 -8.36
N SER A 97 20.64 -11.69 -7.47
CA SER A 97 20.00 -11.38 -6.19
C SER A 97 18.65 -10.68 -6.40
N ILE A 98 18.65 -9.64 -7.22
CA ILE A 98 17.39 -8.95 -7.55
C ILE A 98 16.34 -9.92 -8.11
N THR A 99 16.74 -10.80 -9.04
CA THR A 99 15.82 -11.76 -9.62
C THR A 99 15.28 -12.73 -8.57
N LEU A 100 16.16 -13.28 -7.74
CA LEU A 100 15.78 -14.18 -6.66
C LEU A 100 14.72 -13.52 -5.76
N ARG A 101 15.00 -12.28 -5.38
CA ARG A 101 14.11 -11.55 -4.49
C ARG A 101 12.77 -11.27 -5.16
N ARG A 102 12.79 -10.91 -6.44
CA ARG A 102 11.55 -10.70 -7.19
C ARG A 102 10.71 -11.97 -7.22
N TYR A 103 11.32 -13.11 -7.59
CA TYR A 103 10.55 -14.37 -7.67
C TYR A 103 10.01 -14.80 -6.31
N ALA A 104 10.85 -14.67 -5.29
CA ALA A 104 10.40 -15.00 -3.95
C ALA A 104 9.23 -14.11 -3.51
N GLY A 105 9.35 -12.82 -3.75
CA GLY A 105 8.28 -11.89 -3.41
C GLY A 105 6.98 -12.13 -4.16
N MET A 106 7.09 -12.50 -5.44
N MET A 106 7.08 -12.50 -5.44
CA MET A 106 5.94 -12.86 -6.25
CA MET A 106 5.90 -12.85 -6.22
C MET A 106 5.25 -14.09 -5.67
C MET A 106 5.23 -14.10 -5.67
N ALA A 107 6.03 -15.09 -5.26
CA ALA A 107 5.44 -16.31 -4.65
C ALA A 107 4.72 -15.95 -3.37
N LEU A 108 5.32 -15.07 -2.56
CA LEU A 108 4.70 -14.65 -1.31
C LEU A 108 3.42 -13.84 -1.55
N THR A 109 3.40 -13.02 -2.59
CA THR A 109 2.17 -12.35 -3.01
C THR A 109 1.07 -13.37 -3.31
N ASN A 110 1.40 -14.39 -4.11
CA ASN A 110 0.41 -15.40 -4.49
C ASN A 110 -0.04 -16.22 -3.27
N LEU A 111 0.89 -16.56 -2.40
CA LEU A 111 0.56 -17.37 -1.22
C LEU A 111 -0.25 -16.63 -0.15
N THR A 112 -0.21 -15.30 -0.15
CA THR A 112 -0.99 -14.50 0.80
C THR A 112 -2.32 -14.01 0.21
N PHE A 113 -2.55 -14.22 -1.08
CA PHE A 113 -3.80 -13.81 -1.74
C PHE A 113 -4.97 -14.64 -1.23
N GLY A 114 -5.95 -13.96 -0.66
CA GLY A 114 -7.16 -14.61 -0.21
C GLY A 114 -7.00 -15.58 0.95
N ASP A 115 -5.85 -15.57 1.63
CA ASP A 115 -5.52 -16.58 2.63
C ASP A 115 -5.20 -15.88 3.94
N VAL A 116 -6.19 -15.77 4.82
CA VAL A 116 -6.02 -14.99 6.04
C VAL A 116 -4.92 -15.60 6.94
N ALA A 117 -4.84 -16.92 6.98
CA ALA A 117 -3.82 -17.62 7.79
C ALA A 117 -2.43 -17.30 7.33
N ASN A 118 -2.22 -17.35 6.02
CA ASN A 118 -0.90 -17.05 5.47
C ASN A 118 -0.51 -15.60 5.66
N LYS A 119 -1.47 -14.66 5.56
CA LYS A 119 -1.16 -13.27 5.86
C LYS A 119 -0.64 -13.12 7.29
N ALA A 120 -1.32 -13.76 8.23
CA ALA A 120 -0.96 -13.68 9.64
C ALA A 120 0.40 -14.31 9.87
N THR A 121 0.66 -15.43 9.22
CA THR A 121 1.95 -16.11 9.36
C THR A 121 3.11 -15.23 8.88
N LEU A 122 2.98 -14.64 7.69
CA LEU A 122 4.08 -13.84 7.18
C LEU A 122 4.30 -12.62 8.05
N CYS A 123 3.22 -11.95 8.48
CA CYS A 123 3.39 -10.81 9.37
C CYS A 123 4.13 -11.18 10.68
N SER A 124 3.88 -12.39 11.18
CA SER A 124 4.53 -12.87 12.40
C SER A 124 6.03 -13.08 12.26
N MET A 125 6.50 -13.19 11.03
CA MET A 125 7.91 -13.32 10.74
C MET A 125 8.51 -11.89 10.67
N LYS A 126 8.72 -11.28 11.83
CA LYS A 126 9.03 -9.87 11.90
C LYS A 126 10.38 -9.53 11.30
N GLY A 127 11.34 -10.43 11.41
CA GLY A 127 12.62 -10.28 10.74
C GLY A 127 12.49 -10.22 9.23
N CYS A 128 11.69 -11.12 8.68
CA CYS A 128 11.37 -11.07 7.24
C CYS A 128 10.67 -9.75 6.87
N MET A 129 9.72 -9.33 7.70
CA MET A 129 9.00 -8.11 7.45
C MET A 129 9.91 -6.89 7.42
N ARG A 130 10.89 -6.84 8.33
N ARG A 130 10.87 -6.85 8.34
CA ARG A 130 11.84 -5.75 8.33
CA ARG A 130 11.84 -5.74 8.35
C ARG A 130 12.67 -5.75 7.05
C ARG A 130 12.70 -5.74 7.09
N ALA A 131 13.08 -6.94 6.63
CA ALA A 131 13.82 -7.07 5.38
C ALA A 131 12.99 -6.61 4.18
N LEU A 132 11.71 -7.01 4.13
CA LEU A 132 10.80 -6.56 3.04
C LEU A 132 10.73 -5.05 2.99
N VAL A 133 10.49 -4.41 4.12
CA VAL A 133 10.34 -2.97 4.17
C VAL A 133 11.61 -2.25 3.70
N ALA A 134 12.77 -2.80 4.08
CA ALA A 134 14.04 -2.22 3.65
C ALA A 134 14.25 -2.24 2.13
N GLN A 135 13.68 -3.23 1.46
CA GLN A 135 13.80 -3.35 0.00
C GLN A 135 13.08 -2.26 -0.77
N LEU A 136 12.18 -1.50 -0.11
CA LEU A 136 11.54 -0.38 -0.78
C LEU A 136 12.52 0.71 -1.18
N LYS A 137 13.72 0.68 -0.62
CA LYS A 137 14.83 1.55 -1.04
C LYS A 137 15.74 1.00 -2.14
N SER A 138 15.43 -0.17 -2.68
CA SER A 138 16.16 -0.72 -3.81
C SER A 138 16.08 0.24 -5.00
N GLU A 139 17.16 0.34 -5.77
CA GLU A 139 17.12 1.06 -7.04
C GLU A 139 16.25 0.38 -8.10
N SER A 140 15.87 -0.89 -7.89
CA SER A 140 15.00 -1.59 -8.82
C SER A 140 13.53 -1.26 -8.54
N GLU A 141 12.92 -0.48 -9.42
CA GLU A 141 11.49 -0.21 -9.29
C GLU A 141 10.64 -1.47 -9.52
N ASP A 142 11.18 -2.49 -10.21
CA ASP A 142 10.47 -3.76 -10.36
C ASP A 142 10.43 -4.53 -9.04
N LEU A 143 11.55 -4.55 -8.32
CA LEU A 143 11.55 -5.10 -6.95
C LEU A 143 10.66 -4.27 -6.00
N GLN A 144 10.71 -2.94 -6.09
CA GLN A 144 9.78 -2.10 -5.32
C GLN A 144 8.32 -2.50 -5.53
N GLN A 145 7.96 -2.73 -6.79
CA GLN A 145 6.58 -3.15 -7.12
C GLN A 145 6.24 -4.48 -6.47
N VAL A 146 7.16 -5.44 -6.52
CA VAL A 146 6.91 -6.76 -5.92
C VAL A 146 6.74 -6.66 -4.41
N ILE A 147 7.63 -5.91 -3.76
CA ILE A 147 7.55 -5.72 -2.32
C ILE A 147 6.24 -5.01 -1.93
N ALA A 148 5.90 -3.95 -2.64
CA ALA A 148 4.64 -3.24 -2.38
C ALA A 148 3.44 -4.16 -2.55
N SER A 149 3.49 -5.05 -3.54
N SER A 149 3.49 -5.05 -3.54
CA SER A 149 2.44 -6.05 -3.74
CA SER A 149 2.43 -6.04 -3.74
C SER A 149 2.30 -7.04 -2.57
C SER A 149 2.30 -7.02 -2.56
N VAL A 150 3.41 -7.44 -1.96
CA VAL A 150 3.36 -8.25 -0.74
C VAL A 150 2.66 -7.47 0.37
N LEU A 151 3.09 -6.24 0.57
CA LEU A 151 2.54 -5.42 1.63
C LEU A 151 1.07 -5.07 1.42
N ARG A 152 0.68 -4.93 0.15
CA ARG A 152 -0.72 -4.75 -0.21
C ARG A 152 -1.57 -5.94 0.25
N ASN A 153 -1.11 -7.14 -0.08
CA ASN A 153 -1.87 -8.32 0.30
C ASN A 153 -1.88 -8.51 1.81
N LEU A 154 -0.76 -8.24 2.47
CA LEU A 154 -0.72 -8.41 3.93
C LEU A 154 -1.62 -7.43 4.66
N SER A 155 -1.77 -6.24 4.11
CA SER A 155 -2.57 -5.21 4.73
C SER A 155 -4.07 -5.34 4.41
N TRP A 156 -4.43 -6.18 3.46
CA TRP A 156 -5.86 -6.41 3.17
C TRP A 156 -6.43 -7.43 4.13
N ARG A 157 -7.49 -7.04 4.83
CA ARG A 157 -8.09 -7.89 5.89
C ARG A 157 -7.11 -8.34 6.97
N ALA A 158 -6.22 -7.43 7.34
CA ALA A 158 -5.26 -7.70 8.41
C ALA A 158 -5.96 -7.91 9.74
N ASP A 159 -5.56 -8.96 10.44
CA ASP A 159 -6.05 -9.19 11.81
C ASP A 159 -5.40 -8.25 12.80
N VAL A 160 -5.86 -8.27 14.04
CA VAL A 160 -5.38 -7.30 15.05
C VAL A 160 -3.83 -7.31 15.18
N ASN A 161 -3.25 -8.48 15.35
CA ASN A 161 -1.77 -8.60 15.47
C ASN A 161 -1.04 -8.22 14.20
N SER A 162 -1.59 -8.58 13.05
CA SER A 162 -0.95 -8.20 11.77
C SER A 162 -0.92 -6.70 11.58
N LYS A 163 -2.03 -6.02 11.92
CA LYS A 163 -2.05 -4.55 11.85
C LYS A 163 -0.94 -3.97 12.74
N LYS A 164 -0.80 -4.48 13.98
CA LYS A 164 0.23 -3.96 14.87
C LYS A 164 1.63 -4.15 14.28
N THR A 165 1.89 -5.33 13.73
CA THR A 165 3.19 -5.62 13.17
C THR A 165 3.49 -4.76 11.94
N LEU A 166 2.50 -4.60 11.05
CA LEU A 166 2.73 -3.78 9.86
C LEU A 166 3.11 -2.35 10.25
N ARG A 167 2.49 -1.86 11.31
N ARG A 167 2.50 -1.84 11.31
CA ARG A 167 2.78 -0.56 11.83
CA ARG A 167 2.80 -0.53 11.83
C ARG A 167 4.17 -0.52 12.47
C ARG A 167 4.19 -0.51 12.47
N GLU A 168 4.49 -1.53 13.29
CA GLU A 168 5.74 -1.63 14.02
C GLU A 168 6.96 -1.62 13.13
N VAL A 169 6.87 -2.29 11.99
CA VAL A 169 8.05 -2.40 11.11
C VAL A 169 8.21 -1.18 10.17
N GLY A 170 7.34 -0.19 10.33
CA GLY A 170 7.49 1.07 9.63
C GLY A 170 7.04 1.03 8.20
N SER A 171 6.09 0.15 7.87
N SER A 171 6.09 0.14 7.89
CA SER A 171 5.68 0.03 6.48
CA SER A 171 5.57 -0.01 6.55
C SER A 171 5.00 1.28 5.94
C SER A 171 5.05 1.30 5.96
N VAL A 172 4.33 2.06 6.78
CA VAL A 172 3.57 3.22 6.28
C VAL A 172 4.51 4.32 5.82
N LYS A 173 5.40 4.76 6.70
N LYS A 173 5.41 4.77 6.68
CA LYS A 173 6.39 5.75 6.33
CA LYS A 173 6.37 5.77 6.26
C LYS A 173 7.24 5.29 5.15
C LYS A 173 7.24 5.28 5.12
N ALA A 174 7.65 4.02 5.17
CA ALA A 174 8.50 3.50 4.10
C ALA A 174 7.80 3.53 2.75
N LEU A 175 6.53 3.15 2.73
CA LEU A 175 5.76 3.19 1.48
C LEU A 175 5.49 4.62 1.01
N MET A 176 5.19 5.52 1.94
CA MET A 176 4.89 6.90 1.56
C MET A 176 6.14 7.58 1.03
N GLU A 177 7.28 7.35 1.68
CA GLU A 177 8.53 7.90 1.18
C GLU A 177 8.89 7.30 -0.20
N CYS A 178 8.63 6.01 -0.39
CA CYS A 178 8.85 5.32 -1.66
C CYS A 178 8.02 5.98 -2.76
N ALA A 179 6.74 6.21 -2.47
CA ALA A 179 5.80 6.81 -3.43
C ALA A 179 6.30 8.11 -4.03
N LEU A 180 6.90 8.96 -3.21
CA LEU A 180 7.31 10.31 -3.64
C LEU A 180 8.35 10.28 -4.75
N GLU A 181 9.13 9.20 -4.81
CA GLU A 181 10.23 9.05 -5.75
C GLU A 181 9.92 8.12 -6.93
N VAL A 182 8.77 7.42 -6.93
CA VAL A 182 8.49 6.41 -7.96
C VAL A 182 8.25 7.08 -9.31
N LYS A 183 8.95 6.60 -10.34
CA LYS A 183 8.75 7.05 -11.72
C LYS A 183 7.83 6.16 -12.57
N LYS A 184 7.73 4.88 -12.26
CA LYS A 184 6.98 3.93 -13.09
C LYS A 184 5.57 3.79 -12.55
N GLU A 185 4.57 4.05 -13.38
CA GLU A 185 3.18 3.98 -12.96
C GLU A 185 2.78 2.65 -12.33
N SER A 186 3.26 1.53 -12.88
CA SER A 186 2.85 0.23 -12.35
C SER A 186 3.41 0.02 -10.93
N THR A 187 4.58 0.57 -10.65
CA THR A 187 5.13 0.51 -9.29
C THR A 187 4.32 1.41 -8.36
N LEU A 188 4.00 2.61 -8.83
CA LEU A 188 3.22 3.53 -8.01
C LEU A 188 1.86 2.96 -7.68
N LYS A 189 1.20 2.29 -8.63
CA LYS A 189 -0.10 1.66 -8.38
C LYS A 189 0.00 0.69 -7.17
N SER A 190 1.02 -0.17 -7.16
CA SER A 190 1.18 -1.14 -6.06
C SER A 190 1.43 -0.45 -4.72
N VAL A 191 2.28 0.57 -4.74
CA VAL A 191 2.64 1.29 -3.54
C VAL A 191 1.38 2.00 -2.97
N LEU A 192 0.65 2.71 -3.85
CA LEU A 192 -0.56 3.41 -3.39
C LEU A 192 -1.66 2.44 -2.94
N SER A 193 -1.79 1.28 -3.60
CA SER A 193 -2.79 0.30 -3.19
C SER A 193 -2.49 -0.23 -1.77
N ALA A 194 -1.20 -0.49 -1.48
CA ALA A 194 -0.82 -0.89 -0.12
C ALA A 194 -1.14 0.21 0.89
N LEU A 195 -0.77 1.47 0.56
CA LEU A 195 -1.10 2.60 1.43
C LEU A 195 -2.59 2.82 1.64
N TRP A 196 -3.38 2.55 0.62
CA TRP A 196 -4.81 2.65 0.75
C TRP A 196 -5.31 1.65 1.83
N ASN A 197 -4.80 0.42 1.78
CA ASN A 197 -5.17 -0.54 2.80
C ASN A 197 -4.67 -0.09 4.19
N LEU A 198 -3.40 0.26 4.27
CA LEU A 198 -2.80 0.64 5.58
C LEU A 198 -3.44 1.88 6.21
N SER A 199 -3.86 2.81 5.36
CA SER A 199 -4.49 4.04 5.83
C SER A 199 -5.82 3.80 6.53
N ALA A 200 -6.44 2.66 6.30
CA ALA A 200 -7.71 2.32 6.94
C ALA A 200 -7.56 1.62 8.30
N HIS A 201 -6.34 1.20 8.64
CA HIS A 201 -6.17 0.32 9.79
C HIS A 201 -6.41 1.01 11.11
N CYS A 202 -5.92 2.24 11.24
CA CYS A 202 -5.93 2.97 12.51
C CYS A 202 -5.54 4.42 12.29
N THR A 203 -5.81 5.23 13.32
N THR A 203 -5.79 5.21 13.33
CA THR A 203 -5.51 6.65 13.26
CA THR A 203 -5.57 6.63 13.30
C THR A 203 -4.04 6.93 13.22
C THR A 203 -4.08 6.98 13.32
N GLU A 204 -3.24 6.12 13.90
CA GLU A 204 -1.82 6.37 13.90
C GLU A 204 -1.20 6.22 12.49
N ASN A 205 -1.72 5.28 11.70
CA ASN A 205 -1.26 5.14 10.33
C ASN A 205 -1.63 6.35 9.52
N LYS A 206 -2.81 6.92 9.78
N LYS A 206 -2.81 6.91 9.77
CA LYS A 206 -3.21 8.14 9.08
CA LYS A 206 -3.22 8.15 9.09
C LYS A 206 -2.29 9.31 9.44
C LYS A 206 -2.28 9.30 9.44
N ALA A 207 -1.97 9.43 10.73
CA ALA A 207 -1.05 10.48 11.19
C ALA A 207 0.35 10.32 10.57
N ASP A 208 0.81 9.08 10.45
CA ASP A 208 2.12 8.81 9.87
C ASP A 208 2.21 9.18 8.41
N ILE A 209 1.13 8.97 7.67
CA ILE A 209 1.07 9.45 6.30
C ILE A 209 1.13 10.96 6.25
N CYS A 210 0.33 11.62 7.08
CA CYS A 210 0.26 13.07 7.06
C CYS A 210 1.57 13.70 7.51
N ALA A 211 2.35 12.99 8.33
CA ALA A 211 3.62 13.49 8.84
C ALA A 211 4.81 13.44 7.87
N VAL A 212 4.69 12.75 6.75
CA VAL A 212 5.78 12.67 5.78
C VAL A 212 5.79 13.99 5.00
N ASP A 213 6.94 14.67 5.01
CA ASP A 213 7.07 15.96 4.34
C ASP A 213 6.67 15.83 2.88
N GLY A 214 5.73 16.67 2.43
CA GLY A 214 5.30 16.66 1.04
C GLY A 214 4.25 15.63 0.68
N ALA A 215 3.87 14.75 1.61
CA ALA A 215 2.96 13.65 1.28
C ALA A 215 1.54 14.12 0.95
N LEU A 216 1.02 15.08 1.71
CA LEU A 216 -0.36 15.54 1.43
C LEU A 216 -0.44 16.25 0.08
N ALA A 217 0.53 17.10 -0.22
CA ALA A 217 0.58 17.77 -1.54
C ALA A 217 0.71 16.72 -2.67
N PHE A 218 1.52 15.71 -2.44
CA PHE A 218 1.67 14.60 -3.39
C PHE A 218 0.35 13.88 -3.62
N LEU A 219 -0.34 13.55 -2.53
CA LEU A 219 -1.59 12.85 -2.64
C LEU A 219 -2.63 13.69 -3.40
N VAL A 220 -2.70 14.99 -3.11
CA VAL A 220 -3.64 15.82 -3.85
C VAL A 220 -3.22 15.80 -5.35
N GLY A 221 -1.91 15.82 -5.61
CA GLY A 221 -1.42 15.66 -6.96
C GLY A 221 -1.89 14.41 -7.69
N THR A 222 -1.97 13.29 -6.97
CA THR A 222 -2.48 12.04 -7.58
C THR A 222 -3.93 12.10 -8.03
N LEU A 223 -4.68 13.08 -7.53
CA LEU A 223 -6.11 13.23 -7.87
C LEU A 223 -6.39 13.84 -9.22
N THR A 224 -5.44 14.61 -9.76
CA THR A 224 -5.81 15.43 -10.93
C THR A 224 -5.90 14.64 -12.22
N TYR A 225 -6.94 14.95 -13.01
N TYR A 225 -6.91 14.92 -13.04
CA TYR A 225 -7.09 14.50 -14.39
CA TYR A 225 -6.98 14.35 -14.37
C TYR A 225 -6.00 15.13 -15.25
C TYR A 225 -6.09 15.17 -15.33
N ARG A 226 -5.66 16.37 -14.93
CA ARG A 226 -4.81 17.22 -15.78
C ARG A 226 -3.36 16.91 -15.47
N SER A 227 -2.92 15.80 -16.02
CA SER A 227 -1.64 15.20 -15.68
C SER A 227 -1.17 14.39 -16.85
N GLN A 228 0.13 14.39 -17.08
CA GLN A 228 0.75 13.48 -18.04
C GLN A 228 1.26 12.19 -17.40
N THR A 229 1.13 12.03 -16.08
N THR A 229 1.14 12.08 -16.08
CA THR A 229 1.54 10.76 -15.43
CA THR A 229 1.57 10.90 -15.33
C THR A 229 0.42 10.00 -14.72
C THR A 229 0.44 10.05 -14.74
N ASN A 230 -0.57 10.70 -14.17
CA ASN A 230 -1.66 9.99 -13.49
C ASN A 230 -2.50 9.14 -14.47
N THR A 231 -2.81 7.94 -14.08
CA THR A 231 -3.79 7.13 -14.73
C THR A 231 -4.97 6.97 -13.77
N LEU A 232 -6.03 6.36 -14.26
CA LEU A 232 -7.21 6.09 -13.48
C LEU A 232 -6.87 5.35 -12.19
N ALA A 233 -5.99 4.36 -12.27
CA ALA A 233 -5.65 3.58 -11.09
C ALA A 233 -5.00 4.43 -9.99
N ILE A 234 -4.16 5.36 -10.43
N ILE A 234 -4.19 5.38 -10.40
CA ILE A 234 -3.46 6.30 -9.54
CA ILE A 234 -3.53 6.26 -9.43
C ILE A 234 -4.48 7.25 -8.86
C ILE A 234 -4.50 7.26 -8.82
N ILE A 235 -5.42 7.77 -9.64
CA ILE A 235 -6.44 8.70 -9.12
C ILE A 235 -7.33 7.97 -8.08
N GLU A 236 -7.70 6.73 -8.40
CA GLU A 236 -8.49 5.91 -7.50
C GLU A 236 -7.77 5.66 -6.18
N SER A 237 -6.52 5.22 -6.24
N SER A 237 -6.51 5.24 -6.25
CA SER A 237 -5.78 4.85 -5.03
CA SER A 237 -5.75 4.86 -5.06
C SER A 237 -5.32 6.06 -4.20
C SER A 237 -5.35 6.07 -4.22
N GLY A 238 -4.87 7.13 -4.85
CA GLY A 238 -4.53 8.34 -4.14
C GLY A 238 -5.75 8.92 -3.44
N GLY A 239 -6.88 8.93 -4.17
CA GLY A 239 -8.13 9.38 -3.59
C GLY A 239 -8.63 8.53 -2.46
N GLY A 240 -8.33 7.23 -2.51
CA GLY A 240 -8.72 6.33 -1.42
C GLY A 240 -7.92 6.60 -0.17
N ILE A 241 -6.62 6.78 -0.34
CA ILE A 241 -5.77 7.19 0.78
C ILE A 241 -6.26 8.50 1.39
N LEU A 242 -6.56 9.47 0.53
N LEU A 242 -6.55 9.48 0.54
CA LEU A 242 -7.03 10.76 1.01
CA LEU A 242 -7.02 10.77 1.05
C LEU A 242 -8.36 10.64 1.76
C LEU A 242 -8.35 10.63 1.79
N ARG A 243 -9.26 9.83 1.24
CA ARG A 243 -10.54 9.59 1.95
C ARG A 243 -10.27 9.09 3.35
N ASN A 244 -9.37 8.12 3.49
N ASN A 244 -9.37 8.11 3.48
CA ASN A 244 -9.08 7.57 4.81
CA ASN A 244 -9.07 7.58 4.80
C ASN A 244 -8.41 8.57 5.73
C ASN A 244 -8.45 8.61 5.72
N VAL A 245 -7.42 9.30 5.24
CA VAL A 245 -6.67 10.19 6.13
C VAL A 245 -7.44 11.50 6.39
N SER A 246 -8.46 11.81 5.58
CA SER A 246 -9.22 13.03 5.77
C SER A 246 -9.98 13.10 7.06
N SER A 247 -10.28 11.97 7.73
CA SER A 247 -10.93 12.06 9.03
C SER A 247 -10.03 12.80 10.06
N LEU A 248 -8.72 12.56 9.98
N LEU A 248 -8.72 12.60 9.95
CA LEU A 248 -7.73 13.27 10.79
CA LEU A 248 -7.75 13.26 10.82
C LEU A 248 -7.52 14.67 10.30
C LEU A 248 -7.35 14.64 10.31
N ILE A 249 -7.31 14.81 8.99
CA ILE A 249 -7.05 16.14 8.40
C ILE A 249 -8.14 17.14 8.79
N ALA A 250 -9.40 16.69 8.86
CA ALA A 250 -10.51 17.56 9.20
C ALA A 250 -10.32 18.26 10.55
N THR A 251 -9.50 17.67 11.43
CA THR A 251 -9.26 18.20 12.77
C THR A 251 -7.95 18.98 12.88
N ASN A 252 -7.20 19.10 11.78
CA ASN A 252 -5.89 19.72 11.80
C ASN A 252 -5.84 20.89 10.80
N GLU A 253 -5.86 22.12 11.29
CA GLU A 253 -5.85 23.32 10.43
C GLU A 253 -4.63 23.40 9.52
N ASP A 254 -3.46 23.01 10.01
CA ASP A 254 -2.26 23.01 9.19
C ASP A 254 -2.38 22.09 7.98
N HIS A 255 -2.91 20.88 8.20
CA HIS A 255 -3.12 19.95 7.11
C HIS A 255 -4.21 20.38 6.17
N ARG A 256 -5.30 20.93 6.70
CA ARG A 256 -6.34 21.52 5.83
C ARG A 256 -5.77 22.58 4.93
N GLN A 257 -4.86 23.39 5.46
CA GLN A 257 -4.23 24.44 4.68
C GLN A 257 -3.41 23.87 3.51
N ILE A 258 -2.68 22.78 3.73
CA ILE A 258 -2.00 22.11 2.65
C ILE A 258 -3.00 21.70 1.55
N LEU A 259 -4.11 21.10 1.95
N LEU A 259 -4.12 21.09 1.95
CA LEU A 259 -5.14 20.71 0.99
CA LEU A 259 -5.13 20.69 0.97
C LEU A 259 -5.65 21.92 0.20
C LEU A 259 -5.67 21.90 0.20
N ARG A 260 -5.96 23.00 0.92
CA ARG A 260 -6.46 24.26 0.30
C ARG A 260 -5.53 24.79 -0.73
N GLU A 261 -4.27 24.86 -0.37
CA GLU A 261 -3.33 25.47 -1.29
C GLU A 261 -3.03 24.59 -2.52
N ASN A 262 -3.40 23.31 -2.46
CA ASN A 262 -3.36 22.39 -3.59
C ASN A 262 -4.71 22.20 -4.27
N ASN A 263 -5.66 23.12 -4.04
CA ASN A 263 -6.97 23.12 -4.71
C ASN A 263 -7.74 21.82 -4.50
N CYS A 264 -7.60 21.25 -3.30
CA CYS A 264 -8.23 19.97 -3.06
C CYS A 264 -9.77 19.99 -3.18
N LEU A 265 -10.42 20.98 -2.57
CA LEU A 265 -11.88 21.05 -2.64
C LEU A 265 -12.39 21.14 -4.06
N GLN A 266 -11.73 21.95 -4.88
CA GLN A 266 -12.11 22.13 -6.28
C GLN A 266 -12.01 20.81 -7.04
N THR A 267 -10.93 20.08 -6.82
CA THR A 267 -10.74 18.80 -7.46
C THR A 267 -11.75 17.77 -6.97
N LEU A 268 -12.06 17.76 -5.68
CA LEU A 268 -13.07 16.81 -5.17
C LEU A 268 -14.44 17.07 -5.77
N LEU A 269 -14.76 18.33 -6.01
CA LEU A 269 -16.05 18.62 -6.65
C LEU A 269 -16.07 18.16 -8.08
N GLN A 270 -14.96 18.31 -8.79
N GLN A 270 -14.96 18.31 -8.79
CA GLN A 270 -14.83 17.72 -10.14
CA GLN A 270 -14.85 17.72 -10.13
C GLN A 270 -15.02 16.21 -10.09
C GLN A 270 -15.05 16.21 -10.07
N HIS A 271 -14.41 15.56 -9.08
CA HIS A 271 -14.57 14.11 -8.90
C HIS A 271 -16.02 13.67 -8.71
N LEU A 272 -16.87 14.51 -8.13
CA LEU A 272 -18.28 14.16 -7.99
C LEU A 272 -18.99 13.93 -9.31
N LYS A 273 -18.46 14.52 -10.39
CA LYS A 273 -19.02 14.39 -11.74
C LYS A 273 -18.40 13.22 -12.52
N SER A 274 -17.47 12.47 -11.91
CA SER A 274 -16.75 11.42 -12.60
C SER A 274 -17.66 10.29 -13.02
N HIS A 275 -17.30 9.65 -14.11
CA HIS A 275 -17.96 8.39 -14.47
C HIS A 275 -17.48 7.23 -13.62
N SER A 276 -16.32 7.37 -12.97
CA SER A 276 -15.75 6.31 -12.13
C SER A 276 -16.42 6.25 -10.76
N LEU A 277 -17.09 5.14 -10.48
CA LEU A 277 -17.73 4.92 -9.21
C LEU A 277 -16.76 5.04 -8.03
N THR A 278 -15.56 4.48 -8.18
CA THR A 278 -14.57 4.56 -7.09
C THR A 278 -14.19 6.00 -6.80
N ILE A 279 -13.98 6.77 -7.86
CA ILE A 279 -13.57 8.17 -7.70
C ILE A 279 -14.68 8.98 -7.01
N VAL A 280 -15.93 8.80 -7.46
CA VAL A 280 -17.06 9.51 -6.84
C VAL A 280 -17.18 9.12 -5.37
N SER A 281 -17.11 7.81 -5.09
N SER A 281 -17.10 7.81 -5.08
CA SER A 281 -17.21 7.29 -3.73
CA SER A 281 -17.23 7.30 -3.72
C SER A 281 -16.14 7.92 -2.82
C SER A 281 -16.13 7.87 -2.79
N ASN A 282 -14.90 7.90 -3.29
CA ASN A 282 -13.80 8.45 -2.50
C ASN A 282 -14.03 9.92 -2.24
N ALA A 283 -14.48 10.65 -3.26
CA ALA A 283 -14.71 12.08 -3.08
C ALA A 283 -15.81 12.38 -2.08
N CYS A 284 -16.89 11.60 -2.13
CA CYS A 284 -18.00 11.76 -1.17
C CYS A 284 -17.53 11.57 0.27
N GLY A 285 -16.72 10.55 0.52
CA GLY A 285 -16.17 10.33 1.89
C GLY A 285 -15.25 11.46 2.34
N THR A 286 -14.41 11.95 1.43
CA THR A 286 -13.49 13.00 1.77
C THR A 286 -14.26 14.30 2.07
N LEU A 287 -15.25 14.61 1.24
CA LEU A 287 -16.06 15.82 1.46
C LEU A 287 -16.91 15.76 2.70
N TRP A 288 -17.39 14.56 3.02
CA TRP A 288 -18.09 14.35 4.31
C TRP A 288 -17.22 14.91 5.44
N ASN A 289 -15.96 14.49 5.49
CA ASN A 289 -15.06 14.90 6.54
C ASN A 289 -14.69 16.38 6.48
N LEU A 290 -14.30 16.85 5.31
CA LEU A 290 -13.78 18.21 5.16
C LEU A 290 -14.86 19.30 5.25
N SER A 291 -16.10 18.94 4.99
CA SER A 291 -17.21 19.91 5.07
C SER A 291 -17.64 20.24 6.49
N ALA A 292 -17.12 19.52 7.49
CA ALA A 292 -17.39 19.78 8.88
C ALA A 292 -16.38 20.76 9.44
N ARG A 293 -16.84 21.55 10.39
CA ARG A 293 -16.04 22.32 11.33
C ARG A 293 -15.02 23.34 10.83
N ASN A 294 -15.10 23.77 9.57
CA ASN A 294 -14.22 24.84 9.09
C ASN A 294 -14.98 25.82 8.18
N PRO A 295 -15.24 27.06 8.66
CA PRO A 295 -16.01 28.00 7.87
C PRO A 295 -15.41 28.38 6.51
N LYS A 296 -14.09 28.48 6.44
CA LYS A 296 -13.41 28.86 5.20
C LYS A 296 -13.70 27.83 4.11
N ASP A 297 -13.55 26.56 4.45
CA ASP A 297 -13.82 25.49 3.48
C ASP A 297 -15.30 25.34 3.15
N GLN A 298 -16.17 25.54 4.15
CA GLN A 298 -17.61 25.55 3.87
C GLN A 298 -18.04 26.64 2.90
N GLU A 299 -17.47 27.84 3.02
CA GLU A 299 -17.77 28.93 2.12
C GLU A 299 -17.28 28.65 0.73
N ALA A 300 -16.06 28.10 0.60
CA ALA A 300 -15.52 27.77 -0.73
C ALA A 300 -16.45 26.76 -1.41
N LEU A 301 -16.86 25.74 -0.65
CA LEU A 301 -17.78 24.73 -1.18
C LEU A 301 -19.11 25.33 -1.67
N TRP A 302 -19.71 26.19 -0.87
CA TRP A 302 -20.92 26.93 -1.27
C TRP A 302 -20.70 27.70 -2.60
N ASP A 303 -19.63 28.49 -2.67
CA ASP A 303 -19.33 29.31 -3.86
C ASP A 303 -19.26 28.49 -5.15
N MET A 304 -18.68 27.28 -5.03
CA MET A 304 -18.44 26.39 -6.17
C MET A 304 -19.63 25.49 -6.51
N GLY A 305 -20.77 25.69 -5.87
CA GLY A 305 -21.98 24.94 -6.22
C GLY A 305 -22.07 23.57 -5.60
N ALA A 306 -21.33 23.30 -4.51
CA ALA A 306 -21.33 21.96 -3.90
C ALA A 306 -22.70 21.50 -3.42
N VAL A 307 -23.52 22.41 -2.93
CA VAL A 307 -24.82 22.01 -2.40
C VAL A 307 -25.64 21.21 -3.42
N SER A 308 -25.76 21.74 -4.64
N SER A 308 -25.84 21.79 -4.61
CA SER A 308 -26.50 21.02 -5.68
CA SER A 308 -26.63 21.12 -5.63
C SER A 308 -25.80 19.74 -6.13
C SER A 308 -25.95 19.84 -6.14
N MET A 309 -24.47 19.77 -6.24
N MET A 309 -24.62 19.86 -6.20
CA MET A 309 -23.73 18.59 -6.69
CA MET A 309 -23.88 18.68 -6.66
C MET A 309 -23.88 17.44 -5.72
C MET A 309 -24.09 17.52 -5.72
N LEU A 310 -23.91 17.77 -4.43
CA LEU A 310 -24.14 16.73 -3.40
C LEU A 310 -25.58 16.20 -3.37
N LYS A 311 -26.55 17.11 -3.49
CA LYS A 311 -27.96 16.74 -3.50
C LYS A 311 -28.27 15.70 -4.57
N ASN A 312 -27.59 15.81 -5.70
CA ASN A 312 -27.81 14.87 -6.81
C ASN A 312 -27.37 13.44 -6.57
N LEU A 313 -26.59 13.20 -5.51
CA LEU A 313 -26.02 11.88 -5.24
C LEU A 313 -26.65 11.15 -4.06
N ILE A 314 -27.60 11.80 -3.37
CA ILE A 314 -28.12 11.22 -2.12
C ILE A 314 -28.95 9.93 -2.32
N HIS A 315 -29.44 9.69 -3.53
CA HIS A 315 -30.20 8.48 -3.87
C HIS A 315 -29.40 7.34 -4.48
N SER A 316 -28.07 7.45 -4.44
CA SER A 316 -27.21 6.37 -4.91
C SER A 316 -27.49 5.09 -4.16
N LYS A 317 -27.34 3.98 -4.85
CA LYS A 317 -27.44 2.65 -4.21
C LYS A 317 -26.21 2.35 -3.38
N HIS A 318 -25.11 3.08 -3.66
CA HIS A 318 -23.83 2.83 -3.00
C HIS A 318 -23.76 3.59 -1.73
N LYS A 319 -23.60 2.85 -0.62
N LYS A 319 -23.52 2.87 -0.62
CA LYS A 319 -23.66 3.40 0.73
CA LYS A 319 -23.47 3.45 0.72
C LYS A 319 -22.76 4.62 0.91
C LYS A 319 -22.51 4.64 0.86
N MET A 320 -21.51 4.50 0.44
N MET A 320 -21.27 4.54 0.37
CA MET A 320 -20.55 5.60 0.67
CA MET A 320 -20.36 5.66 0.61
C MET A 320 -20.94 6.88 -0.07
C MET A 320 -20.85 6.91 -0.10
N ILE A 321 -21.47 6.73 -1.28
CA ILE A 321 -21.95 7.88 -2.03
C ILE A 321 -23.22 8.45 -1.40
N ALA A 322 -24.20 7.59 -1.10
CA ALA A 322 -25.44 8.08 -0.51
C ALA A 322 -25.25 8.73 0.85
N MET A 323 -24.49 8.05 1.72
N MET A 323 -24.49 8.05 1.71
CA MET A 323 -24.24 8.54 3.08
CA MET A 323 -24.25 8.56 3.05
C MET A 323 -23.31 9.75 3.09
C MET A 323 -23.31 9.75 3.07
N GLY A 324 -22.24 9.70 2.28
CA GLY A 324 -21.25 10.78 2.27
C GLY A 324 -21.78 12.04 1.64
N SER A 325 -22.50 11.90 0.53
CA SER A 325 -23.07 13.09 -0.10
C SER A 325 -24.10 13.74 0.82
N ALA A 326 -24.97 12.91 1.41
CA ALA A 326 -26.00 13.46 2.30
C ALA A 326 -25.40 14.12 3.54
N ALA A 327 -24.35 13.53 4.09
CA ALA A 327 -23.69 14.08 5.28
C ALA A 327 -22.94 15.36 4.99
N ALA A 328 -22.27 15.41 3.85
CA ALA A 328 -21.58 16.64 3.46
C ALA A 328 -22.61 17.74 3.21
N LEU A 329 -23.73 17.37 2.59
CA LEU A 329 -24.81 18.34 2.34
C LEU A 329 -25.33 18.88 3.65
N ARG A 330 -25.56 17.99 4.62
CA ARG A 330 -26.07 18.39 5.93
C ARG A 330 -25.08 19.35 6.57
N ASN A 331 -23.79 19.07 6.48
CA ASN A 331 -22.79 19.97 7.06
C ASN A 331 -22.81 21.35 6.41
N LEU A 332 -22.98 21.41 5.10
CA LEU A 332 -23.06 22.70 4.40
C LEU A 332 -24.33 23.46 4.73
N MET A 333 -25.45 22.75 4.87
CA MET A 333 -26.74 23.38 5.21
C MET A 333 -26.81 23.87 6.67
N ALA A 334 -26.09 23.20 7.56
CA ALA A 334 -25.99 23.62 8.96
C ALA A 334 -25.07 24.81 9.18
N ASN A 335 -24.26 25.16 8.18
CA ASN A 335 -23.22 26.18 8.31
C ASN A 335 -23.25 27.10 7.10
N ARG A 336 -24.44 27.63 6.80
CA ARG A 336 -24.60 28.52 5.66
C ARG A 336 -23.76 29.80 5.89
N PRO A 337 -22.86 30.16 4.94
CA PRO A 337 -22.11 31.39 5.09
C PRO A 337 -23.03 32.60 5.09
N ALA A 338 -22.62 33.64 5.80
CA ALA A 338 -23.37 34.88 5.85
C ALA A 338 -23.81 35.37 4.48
N LYS A 339 -22.92 35.34 3.49
CA LYS A 339 -23.26 35.94 2.19
C LYS A 339 -24.33 35.16 1.40
N TYR A 340 -24.71 33.97 1.88
CA TYR A 340 -25.82 33.19 1.32
C TYR A 340 -27.09 33.18 2.21
N LYS A 341 -27.09 33.97 3.27
CA LYS A 341 -28.27 34.12 4.11
C LYS A 341 -29.18 35.18 3.47
N ASP A 342 -30.50 34.95 3.57
CA ASP A 342 -31.53 35.89 3.07
C ASP A 342 -31.28 37.35 3.46
N ALA A 343 -30.98 37.57 4.74
CA ALA A 343 -30.76 38.95 5.24
C ALA A 343 -29.57 39.67 4.58
N ASN A 344 -28.62 38.91 4.02
CA ASN A 344 -27.43 39.46 3.33
C ASN A 344 -27.52 39.54 1.80
N ILE A 345 -28.08 38.53 1.13
CA ILE A 345 -28.43 38.70 -0.31
C ILE A 345 -29.48 39.81 -0.49
N MET A 346 -30.30 39.97 0.55
CA MET A 346 -31.12 41.16 0.82
C MET A 346 -32.47 41.05 0.11
C ACE B 1 -9.13 -0.66 -1.57
O ACE B 1 -9.49 -0.64 -2.70
CH3 ACE B 1 -10.13 -0.28 -0.50
N GLY B 2 -7.90 -1.06 -1.23
CA GLY B 2 -6.81 -1.07 -2.18
C GLY B 2 -6.95 -2.47 -2.33
N GLY B 3 -7.57 -3.40 -1.62
CA GLY B 3 -7.78 -4.78 -2.11
C GLY B 3 -6.49 -5.62 -2.13
N GLU B 4 -6.57 -6.76 -2.79
CA GLU B 4 -5.44 -7.71 -2.93
C GLU B 4 -5.40 -8.19 -4.38
N ALA B 5 -4.28 -8.78 -4.77
CA ALA B 5 -4.09 -9.22 -6.13
C ALA B 5 -3.04 -10.29 -6.21
N LEU B 6 -3.11 -11.06 -7.30
CA LEU B 6 -2.02 -12.01 -7.62
C LEU B 6 -0.78 -11.26 -8.07
N ALA B 7 0.36 -11.95 -8.11
CA ALA B 7 1.62 -11.38 -8.60
C ALA B 7 1.59 -11.21 -10.12
N TRP B 8 2.54 -10.47 -10.70
CA TRP B 8 2.68 -10.52 -12.21
C TRP B 8 4.07 -10.30 -12.79
N NH2 B 9 4.32 -10.79 -14.10
#